data_5DL5
#
_entry.id   5DL5
#
_cell.length_a   134.073
_cell.length_b   134.073
_cell.length_c   54.410
_cell.angle_alpha   90.00
_cell.angle_beta   90.00
_cell.angle_gamma   120.00
#
_symmetry.space_group_name_H-M   'P 6'
#
loop_
_entity.id
_entity.type
_entity.pdbx_description
1 polymer 'Membrane protein'
2 non-polymer (HYDROXYETHYLOXY)TRI(ETHYLOXY)OCTANE
3 non-polymer 'PHOSPHATE ION'
4 water water
#
_entity_poly.entity_id   1
_entity_poly.type   'polypeptide(L)'
_entity_poly.pdbx_seq_one_letter_code
;ANVRLQHHHHHHHLESEQSEAKGFVEDANGSILFRTGYLTRDKKQGAKDTSSVAQSAIVSIESGFTPGIVGFGVGVVGDG
SFKIGENKNAGNQMIPKHNDGSAYDHWARGGGSVKARFSNTTVRYGTQVLDLPVLASNTGRMVPEYFTGTLLTSHEIKNL
EVVAGKFTKDQMSDQINTDADASGRGLDRAIVWGAKYKFNDNLNASYYGLDSKNALERHYANVNFKQPLANDSSLTYDFS
GYHTKFDANAHTYSATGTVAPNYAADGIAGEEKTNNIWAISGTYATGPHSVMLAYQQNTGNVGYDYGQNADGFQSIYLPN
SYMSDFIGNHEKSAQIQYNVDFGKLGVLPGLNWTTAFVYGWDIKVRNVTDDAQEREFFNQVKYTVQSGFAKDASLRIRNS
YYRASDAYQGAYIGDTNEWRIFLDIPVKLF
;
_entity_poly.pdbx_strand_id   A
#
loop_
_chem_comp.id
_chem_comp.type
_chem_comp.name
_chem_comp.formula
C8E non-polymer (HYDROXYETHYLOXY)TRI(ETHYLOXY)OCTANE 'C16 H34 O5'
PO4 non-polymer 'PHOSPHATE ION' 'O4 P -3'
#
# COMPACT_ATOMS: atom_id res chain seq x y z
N GLU A 15 5.60 10.75 32.63
CA GLU A 15 6.45 9.57 32.83
C GLU A 15 6.19 8.61 31.62
N SER A 16 4.99 8.14 31.33
CA SER A 16 4.71 7.18 30.22
C SER A 16 3.48 7.59 29.47
N GLU A 17 3.16 6.92 28.37
CA GLU A 17 1.89 7.17 27.63
C GLU A 17 0.70 6.81 28.53
N GLN A 18 0.78 5.72 29.30
CA GLN A 18 -0.38 5.37 30.16
C GLN A 18 -0.63 6.25 31.37
N SER A 19 0.43 6.78 31.97
CA SER A 19 0.29 7.63 33.13
C SER A 19 -0.24 8.96 32.71
N GLU A 20 -0.16 9.31 31.46
CA GLU A 20 -0.77 10.57 31.02
C GLU A 20 -2.19 10.40 30.53
N ALA A 21 -2.79 9.22 30.61
CA ALA A 21 -4.17 9.02 30.11
C ALA A 21 -5.10 10.07 30.76
N LYS A 22 -6.00 10.68 29.99
CA LYS A 22 -7.03 11.62 30.60
C LYS A 22 -8.37 10.96 30.82
N GLY A 23 -8.74 10.00 29.97
CA GLY A 23 -9.99 9.29 30.09
C GLY A 23 -10.54 8.84 28.79
N PHE A 24 -11.39 7.81 28.92
CA PHE A 24 -12.06 7.19 27.77
C PHE A 24 -12.69 8.25 26.81
N VAL A 25 -13.39 9.18 27.39
CA VAL A 25 -14.05 10.30 26.68
C VAL A 25 -13.10 11.49 26.31
N GLU A 26 -12.33 11.96 27.28
CA GLU A 26 -11.44 13.10 27.05
C GLU A 26 -10.42 12.89 25.96
N ASP A 27 -9.83 11.72 25.88
CA ASP A 27 -8.79 11.51 24.89
C ASP A 27 -9.39 10.95 23.58
N ALA A 28 -10.71 10.95 23.40
CA ALA A 28 -11.21 10.25 22.25
C ALA A 28 -11.00 11.08 20.96
N ASN A 29 -10.97 10.41 19.82
CA ASN A 29 -10.88 11.12 18.55
C ASN A 29 -11.68 10.36 17.52
N GLY A 30 -12.21 11.08 16.54
CA GLY A 30 -13.09 10.48 15.59
C GLY A 30 -13.12 11.35 14.36
N SER A 31 -13.14 10.71 13.19
CA SER A 31 -13.22 11.41 11.92
C SER A 31 -13.81 10.55 10.84
N ILE A 32 -14.29 11.24 9.82
CA ILE A 32 -14.83 10.61 8.61
C ILE A 32 -14.11 11.20 7.41
N LEU A 33 -13.77 10.37 6.47
CA LEU A 33 -13.20 10.84 5.24
C LEU A 33 -14.21 10.52 4.22
N PHE A 34 -14.73 11.53 3.55
CA PHE A 34 -15.54 11.28 2.33
C PHE A 34 -14.71 11.23 1.06
N ARG A 35 -14.74 10.15 0.33
CA ARG A 35 -13.86 10.02 -0.79
C ARG A 35 -14.67 9.70 -2.02
N THR A 36 -14.52 10.54 -3.03
CA THR A 36 -15.11 10.25 -4.33
C THR A 36 -13.96 9.78 -5.23
N GLY A 37 -14.13 8.64 -5.87
CA GLY A 37 -13.11 8.16 -6.84
C GLY A 37 -13.58 7.74 -8.21
N TYR A 38 -12.62 7.77 -9.12
CA TYR A 38 -12.74 7.52 -10.53
C TYR A 38 -11.44 6.87 -10.94
N LEU A 39 -11.50 5.68 -11.55
CA LEU A 39 -10.32 5.03 -12.05
C LEU A 39 -10.72 4.33 -13.34
N THR A 40 -10.06 4.69 -14.42
CA THR A 40 -10.27 4.04 -15.70
C THR A 40 -8.93 3.61 -16.32
N ARG A 41 -8.96 2.50 -17.02
CA ARG A 41 -7.82 1.96 -17.80
C ARG A 41 -8.34 1.58 -19.21
N ASP A 42 -7.82 2.29 -20.23
CA ASP A 42 -8.09 2.04 -21.63
C ASP A 42 -7.00 1.17 -22.18
N LYS A 43 -7.34 0.02 -22.68
CA LYS A 43 -6.34 -0.96 -23.15
C LYS A 43 -6.50 -1.22 -24.68
N LYS A 44 -5.60 -1.93 -25.34
CA LYS A 44 -5.74 -2.05 -26.82
C LYS A 44 -6.93 -3.04 -27.16
N GLN A 45 -7.34 -3.13 -28.42
CA GLN A 45 -8.42 -4.07 -28.81
C GLN A 45 -8.08 -5.51 -28.34
N GLY A 46 -9.07 -6.32 -27.97
CA GLY A 46 -8.74 -7.67 -27.48
C GLY A 46 -8.39 -7.68 -26.04
N ALA A 47 -8.09 -6.52 -25.42
CA ALA A 47 -7.97 -6.45 -23.94
C ALA A 47 -9.11 -5.61 -23.25
N LYS A 48 -9.41 -5.97 -21.98
CA LYS A 48 -10.54 -5.43 -21.20
C LYS A 48 -10.33 -4.03 -20.60
N ASP A 49 -11.12 -3.07 -21.02
CA ASP A 49 -11.13 -1.72 -20.45
C ASP A 49 -11.89 -1.74 -19.11
N THR A 50 -11.38 -1.00 -18.13
CA THR A 50 -12.04 -0.93 -16.86
C THR A 50 -12.39 0.56 -16.62
N SER A 51 -13.50 0.75 -15.94
CA SER A 51 -13.95 2.06 -15.43
C SER A 51 -14.76 1.87 -14.15
N SER A 52 -14.33 2.53 -13.09
CA SER A 52 -14.88 2.38 -11.78
C SER A 52 -15.10 3.76 -11.20
N VAL A 53 -16.36 4.07 -10.80
CA VAL A 53 -16.66 5.36 -10.16
C VAL A 53 -17.53 5.09 -8.94
N ALA A 54 -17.18 5.74 -7.79
CA ALA A 54 -17.78 5.46 -6.50
C ALA A 54 -17.55 6.57 -5.43
N GLN A 55 -18.43 6.58 -4.40
CA GLN A 55 -18.38 7.50 -3.28
C GLN A 55 -18.32 6.69 -2.02
N SER A 56 -17.42 7.07 -1.10
CA SER A 56 -17.27 6.34 0.17
C SER A 56 -17.32 7.30 1.28
N ALA A 57 -17.66 6.76 2.43
CA ALA A 57 -17.50 7.47 3.71
C ALA A 57 -16.74 6.52 4.63
N ILE A 58 -15.60 6.95 5.13
CA ILE A 58 -14.69 6.02 5.85
C ILE A 58 -14.59 6.57 7.25
N VAL A 59 -14.99 5.77 8.23
CA VAL A 59 -15.04 6.24 9.56
C VAL A 59 -13.88 5.69 10.38
N SER A 60 -13.30 6.54 11.24
CA SER A 60 -12.35 6.07 12.26
C SER A 60 -12.64 6.69 13.60
N ILE A 61 -12.91 5.85 14.63
CA ILE A 61 -13.26 6.33 16.02
C ILE A 61 -12.34 5.54 16.96
N GLU A 62 -11.68 6.31 17.84
CA GLU A 62 -10.71 5.76 18.82
C GLU A 62 -11.10 6.46 20.11
N SER A 63 -11.56 5.68 21.11
CA SER A 63 -11.74 6.15 22.45
C SER A 63 -10.39 6.57 23.01
N GLY A 64 -10.38 7.34 24.07
CA GLY A 64 -9.20 7.38 24.81
C GLY A 64 -9.00 6.12 25.69
N PHE A 65 -8.03 6.16 26.60
CA PHE A 65 -7.79 5.02 27.50
C PHE A 65 -8.28 5.44 28.87
N THR A 66 -8.89 4.50 29.55
CA THR A 66 -9.21 4.79 30.95
C THR A 66 -7.89 4.98 31.76
N PRO A 67 -7.91 5.80 32.79
CA PRO A 67 -6.78 6.06 33.68
C PRO A 67 -6.46 4.84 34.63
N GLY A 68 -5.19 4.69 35.05
CA GLY A 68 -4.80 3.62 35.96
C GLY A 68 -3.58 2.95 35.45
N ILE A 69 -3.14 1.92 36.16
CA ILE A 69 -1.88 1.23 35.79
C ILE A 69 -1.95 0.52 34.47
N VAL A 70 -3.12 -0.01 34.16
CA VAL A 70 -3.46 -0.47 32.84
C VAL A 70 -4.68 0.27 32.35
N GLY A 71 -4.64 0.78 31.12
CA GLY A 71 -5.70 1.59 30.59
C GLY A 71 -6.44 0.74 29.53
N PHE A 72 -7.73 1.01 29.32
CA PHE A 72 -8.55 0.28 28.40
C PHE A 72 -9.37 1.22 27.50
N GLY A 73 -9.56 0.82 26.24
CA GLY A 73 -10.43 1.58 25.35
C GLY A 73 -10.91 0.66 24.27
N VAL A 74 -11.56 1.30 23.29
CA VAL A 74 -12.08 0.62 22.12
C VAL A 74 -11.85 1.46 20.87
N GLY A 75 -11.93 0.78 19.72
CA GLY A 75 -11.87 1.43 18.40
C GLY A 75 -12.95 0.92 17.45
N VAL A 76 -13.29 1.71 16.45
CA VAL A 76 -14.26 1.31 15.44
C VAL A 76 -13.68 1.81 14.14
N VAL A 77 -13.71 0.98 13.11
CA VAL A 77 -13.31 1.39 11.75
C VAL A 77 -14.35 0.86 10.80
N GLY A 78 -14.76 1.64 9.83
CA GLY A 78 -15.66 1.07 8.86
C GLY A 78 -15.87 2.03 7.73
N ASP A 79 -16.66 1.57 6.76
CA ASP A 79 -16.97 2.46 5.65
C ASP A 79 -18.27 2.05 5.08
N GLY A 80 -18.88 2.99 4.40
CA GLY A 80 -20.09 2.65 3.59
C GLY A 80 -19.91 3.39 2.25
N SER A 81 -20.32 2.75 1.17
CA SER A 81 -20.05 3.27 -0.14
C SER A 81 -21.17 3.02 -1.11
N PHE A 82 -21.17 3.74 -2.25
CA PHE A 82 -22.11 3.34 -3.32
C PHE A 82 -21.41 3.55 -4.64
N LYS A 83 -21.77 2.80 -5.65
CA LYS A 83 -21.21 3.06 -6.96
C LYS A 83 -21.90 4.32 -7.55
N ILE A 84 -21.19 4.99 -8.50
CA ILE A 84 -21.75 6.08 -9.27
C ILE A 84 -21.83 5.62 -10.72
N GLY A 85 -23.01 5.40 -11.26
CA GLY A 85 -23.13 4.90 -12.62
C GLY A 85 -23.28 3.41 -12.53
N GLU A 86 -23.56 2.82 -13.66
CA GLU A 86 -23.78 1.40 -13.73
C GLU A 86 -22.49 0.58 -13.36
N ASN A 87 -21.35 1.05 -13.84
CA ASN A 87 -20.09 0.42 -13.54
C ASN A 87 -20.12 -1.01 -14.01
N LYS A 88 -20.49 -1.19 -15.26
CA LYS A 88 -20.55 -2.51 -15.84
C LYS A 88 -19.15 -3.15 -16.03
N ASN A 89 -18.09 -2.35 -16.09
CA ASN A 89 -16.74 -2.91 -16.26
C ASN A 89 -15.85 -2.33 -15.18
N ALA A 90 -16.36 -2.34 -13.94
CA ALA A 90 -15.58 -2.03 -12.82
C ALA A 90 -14.31 -2.99 -12.58
N GLY A 91 -13.32 -2.58 -11.79
CA GLY A 91 -12.18 -3.44 -11.58
C GLY A 91 -11.18 -2.70 -10.75
N ASN A 92 -9.99 -3.29 -10.66
CA ASN A 92 -8.87 -2.63 -10.04
C ASN A 92 -9.14 -2.42 -8.60
N GLN A 93 -9.87 -3.35 -7.99
CA GLN A 93 -10.17 -3.32 -6.58
C GLN A 93 -10.88 -2.08 -6.07
N MET A 94 -11.71 -1.46 -6.93
CA MET A 94 -12.50 -0.25 -6.60
C MET A 94 -13.90 -0.55 -6.04
N ILE A 95 -14.54 -1.61 -6.56
CA ILE A 95 -15.95 -1.88 -6.29
C ILE A 95 -16.16 -3.39 -6.18
N PRO A 96 -16.80 -3.86 -5.10
CA PRO A 96 -17.17 -5.28 -5.07
C PRO A 96 -18.04 -5.68 -6.26
N LYS A 97 -17.93 -6.94 -6.65
CA LYS A 97 -18.60 -7.49 -7.82
C LYS A 97 -19.38 -8.74 -7.41
N HIS A 98 -20.58 -8.90 -8.00
CA HIS A 98 -21.39 -10.08 -7.78
C HIS A 98 -20.79 -11.16 -8.64
N ASN A 99 -21.30 -12.37 -8.46
CA ASN A 99 -20.82 -13.55 -9.21
C ASN A 99 -20.97 -13.40 -10.71
N ASP A 100 -22.03 -12.72 -11.19
CA ASP A 100 -22.14 -12.45 -12.64
C ASP A 100 -21.20 -11.43 -13.23
N GLY A 101 -20.35 -10.79 -12.43
CA GLY A 101 -19.63 -9.68 -12.96
C GLY A 101 -20.15 -8.26 -12.67
N SER A 102 -21.42 -8.13 -12.27
CA SER A 102 -22.01 -6.77 -12.06
C SER A 102 -21.48 -6.11 -10.82
N ALA A 103 -21.40 -4.79 -10.88
CA ALA A 103 -21.00 -4.06 -9.71
C ALA A 103 -22.02 -4.09 -8.57
N TYR A 104 -21.61 -4.19 -7.31
CA TYR A 104 -22.48 -3.96 -6.17
C TYR A 104 -22.96 -2.51 -6.19
N ASP A 105 -24.22 -2.34 -5.87
CA ASP A 105 -24.78 -0.97 -5.91
C ASP A 105 -24.21 -0.19 -4.67
N HIS A 106 -24.18 -0.81 -3.51
CA HIS A 106 -23.78 -0.15 -2.26
C HIS A 106 -23.21 -1.26 -1.34
N TRP A 107 -22.31 -0.89 -0.46
CA TRP A 107 -21.75 -1.84 0.44
C TRP A 107 -21.19 -1.15 1.67
N ALA A 108 -21.00 -1.97 2.67
CA ALA A 108 -20.56 -1.58 3.98
C ALA A 108 -19.62 -2.66 4.54
N ARG A 109 -18.61 -2.17 5.25
CA ARG A 109 -17.53 -3.02 5.78
C ARG A 109 -16.98 -2.38 7.08
N GLY A 110 -16.45 -3.22 8.00
CA GLY A 110 -15.52 -2.80 9.05
C GLY A 110 -15.83 -3.59 10.34
N GLY A 111 -15.54 -3.03 11.50
CA GLY A 111 -15.66 -3.72 12.76
C GLY A 111 -15.01 -2.91 13.84
N GLY A 112 -14.80 -3.53 14.94
CA GLY A 112 -14.32 -2.85 16.19
C GLY A 112 -13.10 -3.58 16.70
N SER A 113 -12.51 -2.90 17.69
CA SER A 113 -11.42 -3.44 18.46
C SER A 113 -11.50 -2.98 19.90
N VAL A 114 -10.82 -3.76 20.72
CA VAL A 114 -10.56 -3.36 22.08
C VAL A 114 -9.06 -3.19 22.27
N LYS A 115 -8.65 -2.33 23.22
CA LYS A 115 -7.25 -2.03 23.38
C LYS A 115 -6.93 -1.82 24.81
N ALA A 116 -5.69 -2.15 25.17
CA ALA A 116 -5.20 -2.06 26.49
C ALA A 116 -3.82 -1.49 26.45
N ARG A 117 -3.48 -0.69 27.46
CA ARG A 117 -2.21 0.02 27.47
C ARG A 117 -1.57 -0.03 28.83
N PHE A 118 -0.28 -0.38 28.89
CA PHE A 118 0.51 -0.38 30.12
C PHE A 118 1.82 0.31 29.79
N SER A 119 2.20 1.31 30.59
CA SER A 119 3.38 2.09 30.38
C SER A 119 3.35 2.71 28.93
N ASN A 120 4.32 2.33 28.07
CA ASN A 120 4.32 2.71 26.67
C ASN A 120 4.05 1.59 25.72
N THR A 121 3.29 0.62 26.15
CA THR A 121 2.92 -0.51 25.25
C THR A 121 1.44 -0.73 25.09
N THR A 122 0.95 -0.82 23.85
CA THR A 122 -0.45 -1.01 23.55
C THR A 122 -0.66 -2.38 22.90
N VAL A 123 -1.78 -3.02 23.23
CA VAL A 123 -2.26 -4.22 22.54
C VAL A 123 -3.64 -3.92 21.99
N ARG A 124 -3.86 -4.17 20.72
CA ARG A 124 -5.16 -3.99 20.11
C ARG A 124 -5.63 -5.31 19.50
N TYR A 125 -6.85 -5.69 19.84
CA TYR A 125 -7.46 -6.88 19.36
C TYR A 125 -8.77 -6.54 18.59
N GLY A 126 -8.84 -6.96 17.34
CA GLY A 126 -9.96 -6.79 16.52
C GLY A 126 -9.61 -6.26 15.14
N THR A 127 -10.57 -5.56 14.55
CA THR A 127 -10.47 -5.06 13.19
C THR A 127 -9.66 -3.81 13.11
N GLN A 128 -8.68 -3.77 12.18
CA GLN A 128 -7.79 -2.66 12.13
C GLN A 128 -7.11 -2.47 10.81
N VAL A 129 -6.67 -1.24 10.54
CA VAL A 129 -5.89 -0.95 9.30
C VAL A 129 -4.38 -1.02 9.64
N LEU A 130 -3.60 -1.76 8.85
CA LEU A 130 -2.17 -1.95 9.16
C LEU A 130 -1.31 -1.24 8.16
N ASP A 131 -0.16 -0.78 8.65
CA ASP A 131 0.84 -0.21 7.72
C ASP A 131 2.28 -0.74 7.93
N LEU A 132 2.40 -1.99 8.27
CA LEU A 132 3.71 -2.66 8.41
C LEU A 132 4.19 -2.82 6.97
N PRO A 133 5.45 -2.58 6.67
CA PRO A 133 5.88 -2.77 5.31
C PRO A 133 5.64 -4.19 4.72
N VAL A 134 5.70 -5.18 5.62
CA VAL A 134 5.47 -6.60 5.22
C VAL A 134 4.01 -7.02 5.20
N LEU A 135 3.10 -6.18 5.71
CA LEU A 135 1.68 -6.51 5.74
C LEU A 135 0.85 -5.25 5.82
N ALA A 136 0.67 -4.58 4.68
CA ALA A 136 0.17 -3.23 4.66
C ALA A 136 -1.25 -3.23 3.96
N SER A 137 -2.17 -2.61 4.65
CA SER A 137 -3.51 -2.35 4.10
C SER A 137 -3.48 -1.45 2.93
N ASN A 138 -4.12 -1.89 1.90
CA ASN A 138 -4.57 -0.94 0.84
C ASN A 138 -5.21 0.33 1.37
N THR A 139 -4.70 1.46 0.96
CA THR A 139 -5.40 2.68 1.16
C THR A 139 -5.39 3.48 -0.15
N GLY A 140 -5.14 2.88 -1.32
CA GLY A 140 -5.08 3.68 -2.61
C GLY A 140 -6.30 3.50 -3.53
N ARG A 141 -7.38 2.94 -2.99
CA ARG A 141 -8.65 2.72 -3.77
C ARG A 141 -9.78 3.43 -3.06
N MET A 142 -10.96 2.85 -2.93
CA MET A 142 -12.07 3.62 -2.30
C MET A 142 -12.03 3.61 -0.76
N VAL A 143 -11.72 2.45 -0.26
CA VAL A 143 -11.82 2.18 1.16
C VAL A 143 -10.61 1.31 1.62
N PRO A 144 -10.31 1.33 2.92
CA PRO A 144 -9.11 0.58 3.42
C PRO A 144 -9.34 -0.85 3.54
N GLU A 145 -8.27 -1.56 3.33
CA GLU A 145 -8.20 -2.96 3.63
C GLU A 145 -8.10 -3.18 5.15
N TYR A 146 -8.87 -4.16 5.66
CA TYR A 146 -8.91 -4.44 7.12
C TYR A 146 -8.33 -5.73 7.47
N PHE A 147 -7.57 -5.75 8.55
CA PHE A 147 -7.11 -7.04 9.11
C PHE A 147 -7.74 -7.29 10.50
N THR A 148 -8.00 -8.53 10.87
CA THR A 148 -8.49 -8.87 12.16
C THR A 148 -7.47 -9.74 12.88
N GLY A 149 -7.14 -9.32 14.10
CA GLY A 149 -6.24 -10.07 14.97
C GLY A 149 -5.72 -9.16 16.02
N THR A 150 -4.48 -9.40 16.50
CA THR A 150 -3.93 -8.77 17.66
C THR A 150 -2.59 -8.13 17.32
N LEU A 151 -2.39 -6.86 17.68
CA LEU A 151 -1.15 -6.18 17.45
C LEU A 151 -0.69 -5.55 18.69
N LEU A 152 0.52 -5.87 19.04
CA LEU A 152 1.16 -5.22 20.16
C LEU A 152 2.20 -4.24 19.61
N THR A 153 2.22 -3.03 20.21
CA THR A 153 3.05 -1.93 19.81
C THR A 153 3.72 -1.34 21.08
N SER A 154 5.02 -1.42 21.08
CA SER A 154 5.83 -0.97 22.16
C SER A 154 6.78 0.19 21.87
N HIS A 155 6.60 1.22 22.65
CA HIS A 155 7.48 2.33 22.65
C HIS A 155 8.19 2.47 23.97
N GLU A 156 8.60 1.37 24.60
CA GLU A 156 9.28 1.45 25.91
C GLU A 156 10.69 2.08 25.78
N ILE A 157 11.30 2.09 24.58
CA ILE A 157 12.63 2.79 24.33
C ILE A 157 12.41 3.95 23.42
N LYS A 158 12.85 5.14 23.85
CA LYS A 158 12.55 6.34 23.12
C LYS A 158 13.02 6.14 21.64
N ASN A 159 12.19 6.59 20.72
CA ASN A 159 12.50 6.60 19.29
C ASN A 159 12.62 5.23 18.66
N LEU A 160 12.29 4.18 19.44
CA LEU A 160 12.19 2.85 18.94
C LEU A 160 10.79 2.34 19.07
N GLU A 161 10.23 1.85 17.96
CA GLU A 161 8.97 1.16 17.94
C GLU A 161 9.14 -0.30 17.58
N VAL A 162 8.64 -1.17 18.44
CA VAL A 162 8.66 -2.62 18.23
C VAL A 162 7.23 -3.09 18.14
N VAL A 163 6.98 -3.98 17.19
CA VAL A 163 5.68 -4.56 17.00
C VAL A 163 5.75 -6.07 16.95
N ALA A 164 4.65 -6.70 17.38
CA ALA A 164 4.40 -8.12 17.21
C ALA A 164 2.91 -8.32 17.04
N GLY A 165 2.50 -9.18 16.11
CA GLY A 165 1.07 -9.36 15.85
C GLY A 165 0.78 -10.69 15.30
N LYS A 166 -0.46 -11.02 15.36
CA LYS A 166 -1.00 -12.20 14.75
C LYS A 166 -2.36 -11.88 14.13
N PHE A 167 -2.55 -12.16 12.86
CA PHE A 167 -3.82 -11.87 12.11
C PHE A 167 -4.39 -13.07 11.52
N THR A 168 -5.72 -13.21 11.61
CA THR A 168 -6.38 -14.35 11.03
C THR A 168 -7.47 -13.99 10.01
N LYS A 169 -7.71 -12.71 9.75
CA LYS A 169 -8.64 -12.37 8.67
C LYS A 169 -8.06 -11.22 7.91
N ASP A 170 -8.36 -11.19 6.63
CA ASP A 170 -7.95 -10.07 5.75
C ASP A 170 -9.12 -9.73 4.87
N GLN A 171 -9.59 -8.50 4.96
CA GLN A 171 -10.77 -8.08 4.17
C GLN A 171 -10.34 -6.93 3.21
N MET A 172 -10.16 -7.27 1.93
CA MET A 172 -9.66 -6.31 0.98
C MET A 172 -10.79 -5.32 0.59
N SER A 173 -10.35 -4.22 0.03
CA SER A 173 -11.24 -3.07 -0.22
C SER A 173 -12.49 -3.34 -1.04
N ASP A 174 -12.40 -4.33 -1.95
CA ASP A 174 -13.48 -4.68 -2.85
C ASP A 174 -14.18 -5.98 -2.50
N GLN A 175 -14.09 -6.35 -1.22
CA GLN A 175 -14.68 -7.55 -0.75
C GLN A 175 -15.69 -7.21 0.39
N ILE A 176 -16.83 -7.89 0.34
CA ILE A 176 -17.91 -7.86 1.40
C ILE A 176 -17.71 -8.88 2.55
N ASN A 177 -17.19 -10.05 2.22
CA ASN A 177 -16.89 -11.11 3.21
C ASN A 177 -15.80 -10.59 4.08
N THR A 178 -15.81 -10.96 5.34
CA THR A 178 -14.82 -10.45 6.30
C THR A 178 -13.43 -11.15 6.21
N ASP A 179 -13.29 -12.24 5.50
CA ASP A 179 -12.02 -12.88 5.33
C ASP A 179 -11.86 -13.22 3.84
N ALA A 180 -11.43 -12.20 3.10
CA ALA A 180 -11.28 -12.30 1.60
C ALA A 180 -10.35 -11.27 1.06
N ASP A 181 -9.23 -11.72 0.52
CA ASP A 181 -8.22 -10.82 -0.07
C ASP A 181 -8.68 -10.45 -1.48
N ALA A 182 -7.79 -9.89 -2.31
CA ALA A 182 -8.17 -9.31 -3.62
C ALA A 182 -8.62 -10.44 -4.50
N SER A 183 -8.13 -11.62 -4.25
CA SER A 183 -8.61 -12.76 -4.98
C SER A 183 -9.81 -13.50 -4.34
N GLY A 184 -10.44 -12.99 -3.28
CA GLY A 184 -11.54 -13.75 -2.67
C GLY A 184 -11.09 -14.89 -1.74
N ARG A 185 -9.82 -15.00 -1.38
CA ARG A 185 -9.33 -16.11 -0.60
C ARG A 185 -9.05 -15.60 0.83
N GLY A 186 -9.28 -16.46 1.82
CA GLY A 186 -9.14 -16.00 3.24
C GLY A 186 -7.73 -16.09 3.78
N LEU A 187 -7.41 -15.36 4.85
CA LEU A 187 -6.13 -15.57 5.54
C LEU A 187 -6.18 -16.78 6.50
N ASP A 188 -5.14 -17.57 6.55
CA ASP A 188 -5.00 -18.61 7.60
C ASP A 188 -4.40 -17.93 8.89
N ARG A 189 -3.10 -17.59 8.92
CA ARG A 189 -2.49 -17.02 10.15
C ARG A 189 -1.29 -16.26 9.65
N ALA A 190 -1.30 -14.98 9.87
CA ALA A 190 -0.12 -14.17 9.64
C ALA A 190 0.52 -13.67 10.95
N ILE A 191 1.78 -14.03 11.23
CA ILE A 191 2.48 -13.60 12.38
C ILE A 191 3.48 -12.54 11.85
N VAL A 192 3.57 -11.41 12.55
CA VAL A 192 4.40 -10.30 12.13
C VAL A 192 5.20 -9.77 13.30
N TRP A 193 6.40 -9.28 13.03
CA TRP A 193 7.20 -8.64 14.06
C TRP A 193 8.11 -7.66 13.38
N GLY A 194 8.69 -6.73 14.13
CA GLY A 194 9.69 -5.86 13.56
C GLY A 194 10.03 -4.67 14.49
N ALA A 195 10.85 -3.81 14.00
CA ALA A 195 11.29 -2.69 14.78
C ALA A 195 11.70 -1.59 13.82
N LYS A 196 11.57 -0.38 14.28
CA LYS A 196 11.91 0.81 13.52
C LYS A 196 12.60 1.72 14.53
N TYR A 197 13.68 2.36 14.09
CA TYR A 197 14.49 3.18 14.97
C TYR A 197 14.94 4.48 14.27
N LYS A 198 14.76 5.58 14.99
CA LYS A 198 15.31 6.88 14.57
C LYS A 198 16.63 7.09 15.33
N PHE A 199 17.74 7.00 14.62
CA PHE A 199 19.10 7.16 15.20
C PHE A 199 19.38 8.61 15.52
N ASN A 200 19.01 9.51 14.65
CA ASN A 200 19.18 10.97 14.92
C ASN A 200 18.23 11.60 13.93
N ASP A 201 18.26 12.89 13.73
CA ASP A 201 17.21 13.39 12.84
C ASP A 201 17.51 13.14 11.37
N ASN A 202 18.74 12.80 10.99
CA ASN A 202 19.01 12.48 9.62
C ASN A 202 18.89 10.98 9.23
N LEU A 203 18.95 10.06 10.19
CA LEU A 203 19.07 8.63 9.92
C LEU A 203 18.08 7.73 10.67
N ASN A 204 17.38 6.90 9.89
CA ASN A 204 16.62 5.87 10.51
C ASN A 204 16.59 4.60 9.71
N ALA A 205 16.19 3.53 10.37
CA ALA A 205 16.22 2.23 9.79
C ALA A 205 15.10 1.35 10.36
N SER A 206 14.76 0.32 9.61
CA SER A 206 13.73 -0.66 10.02
C SER A 206 13.88 -2.03 9.47
N TYR A 207 13.34 -3.01 10.17
CA TYR A 207 13.46 -4.41 9.79
C TYR A 207 12.19 -5.09 10.34
N TYR A 208 11.48 -5.75 9.47
CA TYR A 208 10.22 -6.39 9.79
C TYR A 208 10.22 -7.79 9.19
N GLY A 209 9.45 -8.67 9.78
CA GLY A 209 9.26 -10.05 9.38
C GLY A 209 7.78 -10.42 9.34
N LEU A 210 7.45 -11.32 8.40
CA LEU A 210 6.14 -11.88 8.29
C LEU A 210 6.33 -13.39 8.12
N ASP A 211 5.55 -14.14 8.89
CA ASP A 211 5.37 -15.57 8.59
C ASP A 211 3.89 -15.88 8.49
N SER A 212 3.46 -16.28 7.29
CA SER A 212 2.07 -16.50 7.03
C SER A 212 1.94 -17.92 6.64
N LYS A 213 1.12 -18.62 7.40
CA LYS A 213 1.11 -20.10 7.42
C LYS A 213 0.59 -20.61 6.07
N ASN A 214 1.32 -21.59 5.54
CA ASN A 214 1.05 -22.15 4.23
C ASN A 214 1.15 -21.22 3.08
N ALA A 215 1.76 -20.04 3.26
CA ALA A 215 1.70 -19.05 2.20
C ALA A 215 3.14 -18.51 1.86
N LEU A 216 3.77 -17.81 2.81
CA LEU A 216 5.01 -17.24 2.56
C LEU A 216 5.66 -16.72 3.83
N GLU A 217 6.95 -16.50 3.73
CA GLU A 217 7.78 -15.84 4.70
C GLU A 217 8.37 -14.65 4.01
N ARG A 218 8.38 -13.53 4.72
CA ARG A 218 8.83 -12.30 4.13
C ARG A 218 9.54 -11.42 5.13
N HIS A 219 10.68 -10.89 4.72
CA HIS A 219 11.39 -9.91 5.50
C HIS A 219 11.58 -8.63 4.75
N TYR A 220 11.64 -7.50 5.45
CA TYR A 220 11.80 -6.17 4.84
C TYR A 220 12.85 -5.48 5.70
N ALA A 221 13.72 -4.71 5.05
CA ALA A 221 14.65 -3.82 5.75
C ALA A 221 14.66 -2.47 5.01
N ASN A 222 14.93 -1.39 5.74
CA ASN A 222 15.09 -0.06 5.14
C ASN A 222 16.12 0.71 5.94
N VAL A 223 16.87 1.52 5.19
CA VAL A 223 17.66 2.59 5.79
C VAL A 223 17.45 3.88 4.96
N ASN A 224 17.38 4.99 5.65
CA ASN A 224 17.02 6.24 5.14
C ASN A 224 17.92 7.28 5.80
N PHE A 225 18.66 8.02 4.95
CA PHE A 225 19.70 8.95 5.40
C PHE A 225 19.49 10.27 4.63
N LYS A 226 19.21 11.31 5.38
CA LYS A 226 19.13 12.64 4.89
C LYS A 226 20.36 13.45 5.20
N GLN A 227 20.92 14.05 4.16
CA GLN A 227 22.14 14.79 4.19
C GLN A 227 21.94 16.28 3.83
N PRO A 228 21.90 17.15 4.84
CA PRO A 228 21.71 18.60 4.69
C PRO A 228 22.73 19.21 3.78
N LEU A 229 22.31 20.15 2.94
CA LEU A 229 23.17 20.86 2.02
C LEU A 229 22.86 22.36 2.23
N ALA A 230 23.65 23.25 1.61
CA ALA A 230 23.39 24.70 1.64
C ALA A 230 22.08 25.10 0.97
N ASN A 231 21.56 26.25 1.39
CA ASN A 231 20.37 26.94 0.83
C ASN A 231 19.07 26.19 1.01
N ASP A 232 18.86 25.58 2.19
CA ASP A 232 17.65 24.81 2.49
C ASP A 232 17.48 23.74 1.40
N SER A 233 18.44 22.83 1.40
CA SER A 233 18.56 21.79 0.38
C SER A 233 19.02 20.57 1.02
N SER A 234 18.84 19.47 0.35
CA SER A 234 19.26 18.25 0.94
C SER A 234 19.27 17.18 -0.06
N LEU A 235 19.94 16.14 0.34
CA LEU A 235 20.00 14.92 -0.38
C LEU A 235 19.55 13.84 0.53
N THR A 236 18.60 13.04 0.10
CA THR A 236 18.13 11.93 0.85
C THR A 236 18.37 10.63 0.06
N TYR A 237 19.01 9.65 0.75
CA TYR A 237 19.28 8.37 0.20
C TYR A 237 18.46 7.35 0.91
N ASP A 238 17.99 6.41 0.16
CA ASP A 238 17.14 5.32 0.67
C ASP A 238 17.58 3.97 0.09
N PHE A 239 17.72 2.97 0.96
CA PHE A 239 17.94 1.58 0.54
C PHE A 239 16.87 0.74 1.19
N SER A 240 16.06 0.10 0.37
CA SER A 240 14.94 -0.68 0.80
C SER A 240 15.04 -2.07 0.15
N GLY A 241 14.52 -3.10 0.81
CA GLY A 241 14.34 -4.39 0.15
C GLY A 241 13.48 -5.47 0.84
N TYR A 242 12.93 -6.37 0.02
CA TYR A 242 12.25 -7.55 0.58
C TYR A 242 12.93 -8.86 0.13
N HIS A 243 12.90 -9.77 1.07
CA HIS A 243 13.15 -11.17 0.78
C HIS A 243 11.87 -12.02 1.04
N THR A 244 11.41 -12.77 0.04
CA THR A 244 10.19 -13.55 0.18
C THR A 244 10.40 -14.97 -0.24
N LYS A 245 10.00 -15.88 0.61
CA LYS A 245 9.96 -17.28 0.29
C LYS A 245 8.50 -17.69 0.26
N PHE A 246 8.08 -18.08 -0.92
CA PHE A 246 6.74 -18.54 -1.15
C PHE A 246 6.69 -20.00 -0.91
N ASP A 247 5.66 -20.41 -0.17
CA ASP A 247 5.42 -21.90 0.16
C ASP A 247 5.05 -22.58 -1.16
N ALA A 248 5.28 -23.87 -1.21
CA ALA A 248 4.96 -24.74 -2.37
C ALA A 248 3.52 -24.65 -2.77
N ASN A 249 2.62 -24.49 -1.79
CA ASN A 249 1.18 -24.29 -2.06
C ASN A 249 0.71 -22.86 -2.15
N ALA A 250 1.62 -21.91 -2.19
CA ALA A 250 1.20 -20.55 -2.39
C ALA A 250 0.80 -20.22 -3.82
N HIS A 251 0.14 -19.08 -3.97
CA HIS A 251 -0.30 -18.57 -5.21
C HIS A 251 0.71 -17.58 -5.74
N THR A 252 1.23 -17.85 -6.92
CA THR A 252 2.14 -16.89 -7.61
C THR A 252 1.77 -16.91 -9.11
N TYR A 253 2.39 -16.04 -9.92
CA TYR A 253 2.08 -15.98 -11.38
C TYR A 253 3.39 -15.85 -12.19
N SER A 254 4.48 -15.29 -11.68
CA SER A 254 5.71 -15.04 -12.55
C SER A 254 6.81 -16.11 -12.33
N ALA A 255 6.53 -17.27 -11.71
CA ALA A 255 7.60 -18.19 -11.30
C ALA A 255 8.29 -18.73 -12.50
N THR A 256 9.59 -19.03 -12.37
CA THR A 256 10.32 -19.78 -13.47
C THR A 256 10.91 -21.01 -12.86
N GLY A 257 11.59 -21.78 -13.68
CA GLY A 257 12.10 -23.05 -13.27
C GLY A 257 11.01 -24.08 -13.11
N THR A 258 11.27 -25.10 -12.26
CA THR A 258 10.36 -26.25 -12.11
C THR A 258 9.03 -25.71 -11.48
N VAL A 259 7.92 -25.77 -12.24
CA VAL A 259 6.57 -25.54 -11.76
C VAL A 259 5.71 -26.79 -12.05
N ALA A 260 4.57 -26.85 -11.38
CA ALA A 260 3.54 -27.92 -11.61
C ALA A 260 2.73 -27.76 -12.90
N PRO A 261 2.31 -28.91 -13.52
CA PRO A 261 1.63 -28.88 -14.82
C PRO A 261 0.55 -27.90 -14.91
N ASN A 262 -0.11 -27.70 -13.77
CA ASN A 262 -1.28 -26.93 -13.70
C ASN A 262 -1.08 -25.49 -13.28
N TYR A 263 0.18 -25.10 -13.04
CA TYR A 263 0.56 -23.75 -12.56
C TYR A 263 -0.10 -22.59 -13.35
N ALA A 264 -0.03 -22.79 -14.65
CA ALA A 264 -0.78 -22.15 -15.74
C ALA A 264 -2.17 -21.73 -15.39
N ALA A 265 -2.86 -22.66 -14.74
CA ALA A 265 -4.23 -22.51 -14.34
C ALA A 265 -4.46 -22.20 -12.84
N ASP A 266 -3.68 -22.79 -11.95
CA ASP A 266 -3.83 -22.73 -10.49
C ASP A 266 -3.08 -21.54 -9.83
N GLY A 267 -1.90 -21.22 -10.36
CA GLY A 267 -1.01 -20.29 -9.73
C GLY A 267 -0.28 -21.04 -8.63
N ILE A 268 -0.33 -22.37 -8.57
CA ILE A 268 0.34 -23.07 -7.52
C ILE A 268 1.59 -23.73 -8.07
N ALA A 269 2.77 -23.26 -7.66
CA ALA A 269 3.99 -23.85 -8.20
C ALA A 269 4.29 -25.27 -7.73
N GLY A 270 3.80 -25.67 -6.55
CA GLY A 270 4.10 -26.97 -6.03
C GLY A 270 5.56 -27.06 -5.58
N GLU A 271 6.38 -26.02 -5.66
CA GLU A 271 7.58 -26.01 -4.85
C GLU A 271 7.88 -24.58 -4.44
N GLU A 272 8.79 -24.46 -3.46
CA GLU A 272 9.11 -23.13 -2.90
C GLU A 272 9.74 -22.27 -4.04
N LYS A 273 9.48 -20.99 -4.01
CA LYS A 273 10.06 -20.02 -4.94
C LYS A 273 10.48 -18.83 -4.08
N THR A 274 11.57 -18.20 -4.47
CA THR A 274 12.19 -17.15 -3.72
C THR A 274 12.39 -15.94 -4.59
N ASN A 275 12.12 -14.79 -4.01
CA ASN A 275 12.31 -13.47 -4.63
C ASN A 275 13.14 -12.69 -3.68
N ASN A 276 14.12 -12.00 -4.18
CA ASN A 276 14.68 -10.79 -3.52
C ASN A 276 14.43 -9.55 -4.44
N ILE A 277 13.92 -8.48 -3.85
CA ILE A 277 13.72 -7.20 -4.54
C ILE A 277 14.32 -6.16 -3.63
N TRP A 278 15.13 -5.30 -4.23
CA TRP A 278 15.74 -4.17 -3.52
C TRP A 278 15.80 -2.90 -4.42
N ALA A 279 16.03 -1.76 -3.80
CA ALA A 279 16.02 -0.51 -4.47
C ALA A 279 16.82 0.49 -3.72
N ILE A 280 17.53 1.33 -4.48
CA ILE A 280 18.24 2.47 -3.95
C ILE A 280 17.71 3.74 -4.62
N SER A 281 17.56 4.81 -3.83
CA SER A 281 17.05 6.07 -4.35
C SER A 281 17.86 7.18 -3.79
N GLY A 282 18.03 8.24 -4.57
CA GLY A 282 18.64 9.47 -4.09
C GLY A 282 17.77 10.63 -4.56
N THR A 283 17.39 11.53 -3.65
CA THR A 283 16.54 12.68 -3.91
C THR A 283 17.28 13.92 -3.55
N TYR A 284 17.39 14.85 -4.49
CA TYR A 284 17.98 16.12 -4.22
C TYR A 284 16.84 17.06 -4.18
N ALA A 285 16.75 17.85 -3.11
CA ALA A 285 15.67 18.82 -2.96
C ALA A 285 16.25 20.15 -2.67
N THR A 286 15.74 21.13 -3.35
CA THR A 286 16.16 22.48 -3.17
C THR A 286 15.04 23.48 -3.48
N GLY A 287 14.76 24.34 -2.52
CA GLY A 287 13.67 25.33 -2.66
C GLY A 287 12.35 24.65 -3.03
N PRO A 288 11.77 24.99 -4.19
CA PRO A 288 10.44 24.52 -4.60
C PRO A 288 10.38 23.19 -5.30
N HIS A 289 11.51 22.54 -5.38
CA HIS A 289 11.88 21.67 -6.50
C HIS A 289 12.53 20.36 -5.94
N SER A 290 12.22 19.16 -6.45
CA SER A 290 12.93 17.97 -6.12
C SER A 290 13.19 17.06 -7.32
N VAL A 291 14.26 16.28 -7.30
CA VAL A 291 14.47 15.30 -8.40
C VAL A 291 14.94 14.06 -7.72
N MET A 292 14.38 12.94 -8.10
CA MET A 292 14.81 11.65 -7.58
C MET A 292 15.30 10.70 -8.68
N LEU A 293 16.35 9.92 -8.41
CA LEU A 293 16.77 8.83 -9.28
C LEU A 293 16.64 7.54 -8.44
N ALA A 294 16.09 6.48 -9.03
CA ALA A 294 16.01 5.23 -8.26
C ALA A 294 16.27 4.07 -9.17
N TYR A 295 16.84 3.02 -8.60
CA TYR A 295 17.07 1.74 -9.28
C TYR A 295 16.54 0.64 -8.41
N GLN A 296 15.94 -0.40 -9.04
CA GLN A 296 15.25 -1.44 -8.37
C GLN A 296 15.54 -2.72 -9.10
N GLN A 297 15.76 -3.82 -8.39
CA GLN A 297 16.06 -5.07 -9.12
C GLN A 297 15.50 -6.27 -8.36
N ASN A 298 15.00 -7.22 -9.10
CA ASN A 298 14.53 -8.49 -8.60
C ASN A 298 15.53 -9.59 -8.91
N THR A 299 15.75 -10.53 -7.97
CA THR A 299 16.51 -11.74 -8.30
C THR A 299 15.69 -12.95 -7.67
N GLY A 300 16.11 -14.14 -8.00
CA GLY A 300 15.47 -15.41 -7.65
C GLY A 300 14.61 -15.98 -8.76
N ASN A 301 13.84 -17.01 -8.47
CA ASN A 301 13.05 -17.65 -9.46
C ASN A 301 11.53 -17.26 -9.46
N VAL A 302 11.21 -16.09 -8.93
CA VAL A 302 9.91 -15.53 -9.04
C VAL A 302 10.10 -14.09 -8.92
N GLY A 303 9.16 -13.32 -9.49
CA GLY A 303 9.01 -11.92 -9.15
C GLY A 303 8.44 -11.64 -7.76
N TYR A 304 8.29 -10.37 -7.44
CA TYR A 304 7.74 -9.89 -6.17
C TYR A 304 6.19 -9.96 -6.28
N ASP A 305 5.65 -11.18 -6.20
CA ASP A 305 4.20 -11.48 -6.56
C ASP A 305 3.38 -11.22 -5.25
N TYR A 306 3.47 -9.98 -4.73
CA TYR A 306 2.79 -9.57 -3.51
C TYR A 306 1.27 -9.48 -3.72
N GLY A 307 0.53 -9.58 -2.64
CA GLY A 307 -0.92 -9.36 -2.75
C GLY A 307 -1.69 -10.54 -3.21
N GLN A 308 -1.11 -11.72 -3.37
CA GLN A 308 -1.80 -12.86 -3.93
C GLN A 308 -2.14 -13.90 -2.85
N ASN A 309 -1.77 -13.68 -1.60
CA ASN A 309 -1.94 -14.71 -0.52
C ASN A 309 -2.28 -14.00 0.78
N ALA A 310 -3.25 -13.08 0.75
CA ALA A 310 -3.75 -12.41 1.90
C ALA A 310 -2.65 -11.71 2.69
N ASP A 311 -1.74 -11.10 1.95
CA ASP A 311 -0.49 -10.59 2.45
C ASP A 311 -0.37 -9.06 2.35
N GLY A 312 -1.49 -8.36 2.15
CA GLY A 312 -1.46 -6.97 2.14
C GLY A 312 -1.32 -6.47 0.72
N PHE A 313 -2.39 -5.78 0.27
CA PHE A 313 -2.39 -5.16 -1.03
C PHE A 313 -1.39 -3.99 -1.19
N GLN A 314 -0.89 -3.38 -0.13
CA GLN A 314 -0.02 -2.28 -0.22
C GLN A 314 1.38 -2.66 0.28
N SER A 315 1.70 -3.96 0.34
CA SER A 315 2.98 -4.41 0.91
C SER A 315 4.14 -4.21 -0.13
N ILE A 316 4.37 -2.97 -0.55
CA ILE A 316 5.22 -2.65 -1.72
C ILE A 316 5.92 -1.34 -1.39
N TYR A 317 6.74 -1.28 -0.35
CA TYR A 317 7.38 -0.02 0.11
C TYR A 317 8.72 0.19 -0.70
N LEU A 318 8.59 0.37 -2.00
CA LEU A 318 9.71 0.51 -2.94
C LEU A 318 9.39 1.72 -3.88
N PRO A 319 10.39 2.34 -4.45
CA PRO A 319 10.16 3.65 -5.19
C PRO A 319 9.61 3.49 -6.60
N ASN A 320 9.87 2.39 -7.28
CA ASN A 320 9.48 2.26 -8.71
C ASN A 320 8.18 1.52 -8.77
N SER A 321 7.15 2.28 -8.45
CA SER A 321 5.84 1.75 -8.13
C SER A 321 4.79 2.83 -8.38
N TYR A 322 4.07 2.69 -9.47
CA TYR A 322 3.01 3.63 -9.87
C TYR A 322 1.85 2.78 -10.35
N MET A 323 1.50 2.72 -11.62
CA MET A 323 0.46 1.77 -12.02
C MET A 323 1.16 0.39 -12.04
N SER A 324 2.29 0.25 -12.74
CA SER A 324 3.09 -0.96 -12.60
C SER A 324 4.01 -0.88 -11.42
N ASP A 325 4.29 -2.02 -10.81
CA ASP A 325 5.19 -2.05 -9.67
C ASP A 325 6.59 -2.53 -10.01
N PHE A 326 6.86 -2.86 -11.27
CA PHE A 326 8.30 -3.19 -11.66
C PHE A 326 8.85 -4.35 -10.82
N ILE A 327 8.03 -5.39 -10.84
CA ILE A 327 8.15 -6.57 -9.92
C ILE A 327 8.21 -7.85 -10.67
N GLY A 328 8.46 -7.82 -11.94
CA GLY A 328 8.66 -9.02 -12.72
C GLY A 328 9.93 -9.80 -12.33
N ASN A 329 9.87 -11.04 -12.71
CA ASN A 329 10.89 -12.02 -12.46
C ASN A 329 12.23 -11.54 -13.13
N HIS A 330 13.28 -11.32 -12.30
CA HIS A 330 14.63 -10.77 -12.75
C HIS A 330 14.56 -9.35 -13.22
N GLU A 331 13.41 -8.63 -13.03
CA GLU A 331 13.27 -7.32 -13.62
C GLU A 331 14.19 -6.31 -12.96
N LYS A 332 14.90 -5.58 -13.78
CA LYS A 332 15.58 -4.37 -13.33
C LYS A 332 14.80 -3.12 -13.72
N SER A 333 14.92 -1.98 -12.96
CA SER A 333 14.26 -0.79 -13.46
C SER A 333 14.91 0.49 -12.91
N ALA A 334 14.70 1.58 -13.63
CA ALA A 334 15.34 2.86 -13.34
C ALA A 334 14.30 3.94 -13.52
N GLN A 335 14.32 4.91 -12.60
CA GLN A 335 13.40 5.96 -12.59
C GLN A 335 14.07 7.30 -12.46
N ILE A 336 13.48 8.27 -13.10
CA ILE A 336 13.69 9.68 -12.80
C ILE A 336 12.35 10.35 -12.47
N GLN A 337 12.33 11.21 -11.46
CA GLN A 337 11.09 11.79 -10.93
C GLN A 337 11.34 13.24 -10.70
N TYR A 338 10.40 14.07 -11.08
CA TYR A 338 10.58 15.50 -10.77
C TYR A 338 9.33 15.98 -10.03
N ASN A 339 9.52 16.82 -8.98
CA ASN A 339 8.39 17.27 -8.09
C ASN A 339 8.55 18.75 -7.92
N VAL A 340 7.46 19.46 -8.16
CA VAL A 340 7.38 20.89 -7.91
C VAL A 340 6.27 21.23 -6.89
N ASP A 341 6.65 22.04 -5.89
CA ASP A 341 5.75 22.69 -4.97
C ASP A 341 5.42 24.17 -5.41
N PHE A 342 4.19 24.34 -5.90
CA PHE A 342 3.74 25.59 -6.47
C PHE A 342 3.45 26.65 -5.45
N GLY A 343 3.36 26.26 -4.19
CA GLY A 343 3.34 27.23 -3.07
C GLY A 343 4.70 27.84 -2.80
N LYS A 344 5.74 27.00 -2.70
CA LYS A 344 7.10 27.52 -2.48
C LYS A 344 7.53 28.36 -3.59
N LEU A 345 7.06 28.00 -4.76
CA LEU A 345 7.41 28.74 -5.96
C LEU A 345 6.73 30.07 -6.03
N GLY A 346 5.65 30.27 -5.27
CA GLY A 346 4.99 31.54 -5.22
C GLY A 346 3.76 31.57 -6.10
N VAL A 347 3.26 30.44 -6.60
CA VAL A 347 2.11 30.49 -7.55
C VAL A 347 0.74 30.11 -6.95
N LEU A 348 0.68 29.12 -6.08
CA LEU A 348 -0.58 28.61 -5.50
C LEU A 348 -0.29 27.66 -4.32
N PRO A 349 -0.51 28.12 -3.07
CA PRO A 349 -0.19 27.23 -1.97
C PRO A 349 -1.09 26.00 -2.01
N GLY A 350 -0.48 24.88 -1.65
CA GLY A 350 -1.06 23.60 -1.73
C GLY A 350 -1.22 22.93 -3.07
N LEU A 351 -0.72 23.52 -4.17
CA LEU A 351 -0.69 22.84 -5.49
C LEU A 351 0.67 22.22 -5.71
N ASN A 352 0.71 20.92 -6.05
CA ASN A 352 1.94 20.15 -6.29
C ASN A 352 1.84 19.36 -7.58
N TRP A 353 2.98 19.15 -8.25
CA TRP A 353 3.01 18.38 -9.51
C TRP A 353 4.18 17.40 -9.42
N THR A 354 3.94 16.16 -9.78
CA THR A 354 4.92 15.11 -9.83
C THR A 354 4.90 14.55 -11.24
N THR A 355 6.09 14.44 -11.84
CA THR A 355 6.18 13.75 -13.15
C THR A 355 7.31 12.73 -12.96
N ALA A 356 7.16 11.56 -13.57
CA ALA A 356 8.14 10.54 -13.48
C ALA A 356 8.13 9.65 -14.71
N PHE A 357 9.29 9.06 -14.97
CA PHE A 357 9.49 8.09 -16.03
C PHE A 357 10.24 6.88 -15.44
N VAL A 358 9.70 5.67 -15.62
CA VAL A 358 10.28 4.45 -15.12
C VAL A 358 10.38 3.43 -16.28
N TYR A 359 11.56 2.83 -16.40
CA TYR A 359 11.86 1.90 -17.52
C TYR A 359 12.32 0.62 -16.87
N GLY A 360 11.75 -0.50 -17.30
CA GLY A 360 12.00 -1.81 -16.72
C GLY A 360 12.43 -2.75 -17.79
N TRP A 361 13.34 -3.70 -17.47
CA TRP A 361 13.82 -4.62 -18.47
C TRP A 361 14.30 -5.92 -17.89
N ASP A 362 14.79 -6.84 -18.71
CA ASP A 362 15.28 -8.14 -18.15
C ASP A 362 14.13 -8.97 -17.49
N ILE A 363 12.91 -8.75 -17.89
CA ILE A 363 11.79 -9.47 -17.29
C ILE A 363 11.70 -10.82 -17.97
N LYS A 364 11.74 -11.86 -17.11
CA LYS A 364 11.56 -13.24 -17.54
C LYS A 364 10.11 -13.64 -17.55
N VAL A 365 9.63 -14.14 -18.67
CA VAL A 365 8.25 -14.60 -18.78
C VAL A 365 8.42 -16.03 -19.21
N ARG A 366 7.87 -16.92 -18.38
CA ARG A 366 8.22 -18.29 -18.32
C ARG A 366 7.93 -18.92 -19.66
N ASN A 367 8.87 -19.66 -20.24
CA ASN A 367 8.73 -20.30 -21.57
C ASN A 367 8.52 -19.36 -22.78
N VAL A 368 8.70 -18.03 -22.60
CA VAL A 368 8.56 -17.09 -23.71
C VAL A 368 9.87 -16.33 -23.94
N THR A 369 10.47 -15.70 -22.92
CA THR A 369 11.63 -14.83 -23.13
C THR A 369 12.25 -14.50 -21.81
N ASP A 370 13.48 -14.03 -21.89
CA ASP A 370 14.25 -13.58 -20.76
C ASP A 370 14.36 -12.04 -20.87
N ASP A 371 13.80 -11.42 -21.90
CA ASP A 371 14.13 -10.03 -22.17
C ASP A 371 13.01 -9.01 -22.28
N ALA A 372 11.86 -9.29 -21.68
CA ALA A 372 10.69 -8.37 -21.81
C ALA A 372 10.99 -7.07 -21.02
N GLN A 373 10.22 -6.05 -21.38
CA GLN A 373 10.41 -4.68 -20.90
C GLN A 373 9.09 -4.00 -20.73
N GLU A 374 9.13 -2.92 -19.96
CA GLU A 374 7.97 -2.09 -19.77
C GLU A 374 8.43 -0.67 -19.46
N ARG A 375 7.58 0.29 -19.76
CA ARG A 375 7.79 1.61 -19.29
C ARG A 375 6.51 2.37 -18.97
N GLU A 376 6.69 3.35 -18.10
CA GLU A 376 5.62 4.13 -17.61
C GLU A 376 6.00 5.58 -17.46
N PHE A 377 5.20 6.41 -18.06
CA PHE A 377 5.20 7.88 -17.88
C PHE A 377 4.00 8.34 -16.97
N PHE A 378 4.34 8.90 -15.83
CA PHE A 378 3.34 9.21 -14.79
C PHE A 378 3.27 10.74 -14.56
N ASN A 379 2.06 11.30 -14.40
CA ASN A 379 1.90 12.65 -13.95
C ASN A 379 0.81 12.70 -12.89
N GLN A 380 1.07 13.45 -11.85
CA GLN A 380 0.04 13.73 -10.88
C GLN A 380 0.06 15.18 -10.52
N VAL A 381 -1.10 15.79 -10.55
CA VAL A 381 -1.31 17.07 -9.95
C VAL A 381 -2.22 16.89 -8.74
N LYS A 382 -1.85 17.57 -7.68
CA LYS A 382 -2.60 17.50 -6.45
C LYS A 382 -2.80 18.89 -5.89
N TYR A 383 -4.01 19.20 -5.43
CA TYR A 383 -4.31 20.43 -4.71
C TYR A 383 -4.90 20.09 -3.32
N THR A 384 -4.36 20.70 -2.26
CA THR A 384 -4.88 20.57 -0.90
C THR A 384 -5.29 21.91 -0.43
N VAL A 385 -6.49 22.03 0.13
CA VAL A 385 -7.02 23.27 0.61
C VAL A 385 -6.22 23.64 1.83
N GLN A 386 -5.80 24.87 1.91
CA GLN A 386 -4.87 25.37 2.97
C GLN A 386 -5.60 26.00 4.13
N SER A 387 -6.71 26.64 3.95
CA SER A 387 -7.46 27.14 5.12
C SER A 387 -8.98 27.18 4.89
N GLY A 388 -9.73 27.67 5.87
CA GLY A 388 -11.18 27.80 5.76
C GLY A 388 -11.92 26.51 6.06
N PHE A 389 -13.22 26.52 5.87
CA PHE A 389 -14.04 25.41 6.34
C PHE A 389 -13.60 24.06 5.76
N ALA A 390 -12.96 24.05 4.57
CA ALA A 390 -12.62 22.82 3.89
C ALA A 390 -11.11 22.52 3.94
N LYS A 391 -10.44 23.13 4.87
CA LYS A 391 -9.04 22.79 5.13
C LYS A 391 -8.76 21.33 5.18
N ASP A 392 -7.68 20.94 4.48
CA ASP A 392 -7.22 19.59 4.23
C ASP A 392 -8.03 18.80 3.25
N ALA A 393 -9.12 19.29 2.72
CA ALA A 393 -9.67 18.63 1.55
C ALA A 393 -8.65 18.66 0.40
N SER A 394 -8.65 17.62 -0.41
CA SER A 394 -7.78 17.55 -1.55
C SER A 394 -8.34 16.89 -2.79
N LEU A 395 -7.73 17.27 -3.92
CA LEU A 395 -8.06 16.71 -5.21
C LEU A 395 -6.77 16.22 -5.89
N ARG A 396 -6.73 14.94 -6.35
CA ARG A 396 -5.54 14.29 -6.94
C ARG A 396 -6.03 13.88 -8.28
N ILE A 397 -5.33 14.27 -9.34
CA ILE A 397 -5.62 13.88 -10.69
C ILE A 397 -4.31 13.26 -11.18
N ARG A 398 -4.36 12.04 -11.67
CA ARG A 398 -3.17 11.37 -12.05
C ARG A 398 -3.39 10.56 -13.31
N ASN A 399 -2.35 10.50 -14.12
CA ASN A 399 -2.36 9.74 -15.37
C ASN A 399 -1.04 8.95 -15.57
N SER A 400 -1.20 7.72 -16.08
CA SER A 400 -0.12 6.85 -16.49
C SER A 400 -0.28 6.44 -17.92
N TYR A 401 0.77 6.69 -18.69
CA TYR A 401 0.84 6.15 -20.05
C TYR A 401 1.85 4.96 -19.96
N TYR A 402 1.35 3.72 -20.15
CA TYR A 402 2.09 2.56 -19.87
C TYR A 402 2.20 1.67 -21.10
N ARG A 403 3.44 1.21 -21.40
CA ARG A 403 3.64 0.34 -22.52
C ARG A 403 4.58 -0.81 -22.16
N ALA A 404 4.41 -1.97 -22.80
CA ALA A 404 5.23 -3.10 -22.45
C ALA A 404 5.48 -3.92 -23.68
N SER A 405 6.49 -4.76 -23.66
CA SER A 405 6.68 -5.66 -24.86
C SER A 405 5.53 -6.68 -25.04
N ASP A 406 5.55 -7.32 -26.17
CA ASP A 406 4.51 -8.31 -26.55
C ASP A 406 4.30 -9.44 -25.52
N ALA A 407 5.41 -9.85 -24.88
CA ALA A 407 5.45 -10.96 -23.96
C ALA A 407 4.87 -10.61 -22.57
N TYR A 408 4.66 -9.33 -22.26
CA TYR A 408 4.22 -8.82 -20.97
C TYR A 408 2.99 -7.96 -21.11
N GLN A 409 1.97 -8.58 -21.65
CA GLN A 409 0.67 -7.99 -21.86
C GLN A 409 -0.24 -8.68 -20.83
N GLY A 410 -0.91 -9.77 -21.22
CA GLY A 410 -1.82 -10.48 -20.35
C GLY A 410 -1.07 -11.13 -19.17
N ALA A 411 0.22 -11.47 -19.33
CA ALA A 411 1.03 -11.81 -18.16
C ALA A 411 1.06 -10.78 -17.06
N TYR A 412 0.69 -9.49 -17.27
CA TYR A 412 0.78 -8.51 -16.19
C TYR A 412 -0.32 -7.48 -16.30
N ILE A 413 -0.12 -6.34 -16.92
CA ILE A 413 -1.19 -5.34 -17.11
C ILE A 413 -1.47 -5.16 -18.56
N GLY A 414 -0.46 -4.92 -19.38
CA GLY A 414 -0.81 -4.74 -20.80
C GLY A 414 -0.76 -3.24 -21.13
N ASP A 415 -0.62 -2.86 -22.43
CA ASP A 415 -0.54 -1.46 -22.75
C ASP A 415 -1.81 -0.73 -22.26
N THR A 416 -1.64 0.46 -21.67
CA THR A 416 -2.70 1.16 -20.95
C THR A 416 -2.45 2.63 -20.80
N ASN A 417 -3.52 3.38 -20.89
CA ASN A 417 -3.65 4.74 -20.50
C ASN A 417 -4.61 4.69 -19.32
N GLU A 418 -4.14 5.13 -18.20
CA GLU A 418 -4.86 5.06 -16.93
C GLU A 418 -5.12 6.47 -16.48
N TRP A 419 -6.32 6.75 -16.02
CA TRP A 419 -6.55 7.99 -15.23
C TRP A 419 -7.12 7.63 -13.87
N ARG A 420 -6.74 8.39 -12.85
CA ARG A 420 -7.32 8.30 -11.49
C ARG A 420 -7.57 9.66 -10.97
N ILE A 421 -8.78 9.84 -10.44
CA ILE A 421 -9.10 11.08 -9.80
C ILE A 421 -9.76 10.76 -8.44
N PHE A 422 -9.35 11.51 -7.39
CA PHE A 422 -9.84 11.30 -6.05
C PHE A 422 -10.03 12.63 -5.40
N LEU A 423 -11.25 12.87 -4.96
CA LEU A 423 -11.60 13.95 -4.06
C LEU A 423 -11.80 13.39 -2.63
N ASP A 424 -11.01 13.89 -1.69
CA ASP A 424 -10.97 13.46 -0.26
C ASP A 424 -11.36 14.64 0.56
N ILE A 425 -12.45 14.53 1.28
CA ILE A 425 -12.95 15.55 2.18
C ILE A 425 -12.96 15.00 3.66
N PRO A 426 -11.94 15.39 4.44
CA PRO A 426 -11.85 14.94 5.83
C PRO A 426 -12.72 15.77 6.73
N VAL A 427 -13.44 15.13 7.67
CA VAL A 427 -14.26 15.86 8.65
C VAL A 427 -14.02 15.30 10.12
N LYS A 428 -13.70 16.19 11.05
CA LYS A 428 -13.42 15.85 12.42
C LYS A 428 -14.74 15.73 13.09
N LEU A 429 -14.98 14.64 13.76
CA LEU A 429 -16.20 14.47 14.54
C LEU A 429 -15.93 14.97 15.96
N PHE A 430 -14.74 14.71 16.48
CA PHE A 430 -14.29 15.15 17.84
C PHE A 430 -12.77 14.78 18.02
C6 C8E B . -11.13 -8.67 -9.82
C7 C8E B . -11.14 -7.26 -10.48
C8 C8E B . -10.52 -7.16 -11.89
O9 C8E B . -9.82 -5.89 -12.16
C10 C8E B . -8.48 -6.21 -12.50
C11 C8E B . -7.63 -6.35 -11.23
O12 C8E B . -6.26 -6.19 -11.50
C13 C8E B . -5.83 -4.90 -11.99
C14 C8E B . -5.36 -4.03 -10.87
O15 C8E B . -4.08 -3.43 -11.08
C16 C8E B . -2.96 -4.28 -11.38
C17 C8E B . -1.77 -3.56 -10.72
O18 C8E B . -2.10 -2.15 -10.73
C19 C8E B . -1.66 -1.41 -9.57
C20 C8E B . -1.95 0.06 -9.80
O21 C8E B . -1.34 1.02 -8.88
C8 C8E C . -24.41 -1.54 2.98
O9 C8E C . -24.94 -0.28 2.57
C10 C8E C . -23.99 0.81 2.43
C11 C8E C . -24.72 2.16 2.33
O12 C8E C . -23.80 3.26 2.43
C13 C8E C . -24.13 4.24 3.43
C14 C8E C . -23.24 5.49 3.37
O15 C8E C . -23.13 5.89 2.02
C16 C8E C . -21.96 6.63 1.65
C17 C8E C . -21.97 7.98 2.28
O18 C8E C . -21.19 8.87 1.47
C19 C8E C . -22.05 9.70 0.68
C20 C8E C . -22.00 11.12 1.11
O21 C8E C . -22.60 11.82 0.02
C1 C8E D . -27.43 3.58 0.57
C2 C8E D . -26.87 4.10 -0.74
C3 C8E D . -26.81 5.64 -1.01
C4 C8E D . -26.38 6.46 0.17
C5 C8E D . -26.47 7.97 0.12
C6 C8E D . -26.56 8.47 1.57
C7 C8E D . -25.71 9.71 1.75
P PO4 E . -26.78 -4.75 -4.34
O1 PO4 E . -26.78 -6.14 -3.73
O2 PO4 E . -28.20 -4.24 -4.66
O3 PO4 E . -26.01 -4.79 -5.68
O4 PO4 E . -26.14 -3.75 -3.35
#